data_2CNN
#
_entry.id   2CNN
#
_cell.length_a   67.913
_cell.length_b   83.743
_cell.length_c   96.211
_cell.angle_alpha   90.00
_cell.angle_beta   90.00
_cell.angle_gamma   90.00
#
_symmetry.space_group_name_H-M   'I 2 2 2'
#
loop_
_entity.id
_entity.type
_entity.pdbx_description
1 polymer Caspase-3
2 polymer Caspase-3
3 polymer 'AZA-PEPTIDE EXPOXIDE'
4 water water
#
loop_
_entity_poly.entity_id
_entity_poly.type
_entity_poly.pdbx_seq_one_letter_code
_entity_poly.pdbx_strand_id
1 'polypeptide(L)'
;SGISLDNSYKMDYPEMGLCIIINNKNFHKSTGMTSRSGTDVDAANLRETFRNLKYEVRNKNDLTREEIVELMRDVSKEDH
SKRSSFVCVLLSHGEEGIIFGTNGPVDLKKITNFFRGDRCRSLTGKPKLFIIQACRGTELDCGIETD
;
A
2 'polypeptide(L)'
;ASGVDDDMACHKIPVEADFLYAYSTAPGYYSWRNSKDGSWFIQSLCAMLKQYADKLEFMHILTRVNRKVATEFESFSFDA
TFHAKKQIPCIVSMLTKELYFYH
;
B
3 'polypeptide(L)' (PHQ)IET(MY0)A(ABN) C
#
# COMPACT_ATOMS: atom_id res chain seq x y z
N SER A 1 -15.82 -29.94 17.07
CA SER A 1 -16.67 -28.71 17.10
C SER A 1 -17.57 -28.64 15.88
N GLY A 2 -18.26 -27.51 15.71
CA GLY A 2 -19.15 -27.35 14.59
C GLY A 2 -18.45 -27.07 13.27
N ILE A 3 -19.25 -26.85 12.23
CA ILE A 3 -18.71 -26.56 10.91
C ILE A 3 -17.70 -25.43 10.93
N SER A 4 -16.51 -25.70 10.39
CA SER A 4 -15.44 -24.71 10.34
C SER A 4 -15.19 -24.25 8.92
N LEU A 5 -15.31 -22.95 8.70
CA LEU A 5 -15.08 -22.36 7.39
C LEU A 5 -13.85 -21.46 7.51
N ASP A 6 -12.97 -21.51 6.52
CA ASP A 6 -11.77 -20.69 6.54
C ASP A 6 -11.84 -19.67 5.40
N ASN A 7 -12.84 -18.80 5.47
CA ASN A 7 -13.01 -17.79 4.44
C ASN A 7 -12.33 -16.46 4.77
N SER A 8 -11.90 -16.32 6.01
CA SER A 8 -11.23 -15.07 6.41
C SER A 8 -9.91 -15.36 7.12
N TYR A 9 -8.94 -14.49 6.91
CA TYR A 9 -7.63 -14.63 7.52
C TYR A 9 -7.73 -14.61 9.05
N LYS A 10 -6.88 -15.41 9.70
CA LYS A 10 -6.86 -15.45 11.16
C LYS A 10 -6.20 -14.13 11.58
N MET A 11 -6.97 -13.25 12.21
CA MET A 11 -6.43 -11.95 12.62
C MET A 11 -6.43 -11.75 14.12
N ASP A 12 -6.46 -12.86 14.86
CA ASP A 12 -6.46 -12.79 16.32
C ASP A 12 -5.15 -13.24 16.95
N TYR A 13 -4.06 -13.14 16.20
CA TYR A 13 -2.75 -13.48 16.75
C TYR A 13 -2.48 -12.44 17.82
N PRO A 14 -1.50 -12.69 18.71
CA PRO A 14 -1.16 -11.73 19.76
C PRO A 14 -0.95 -10.31 19.25
N GLU A 15 -0.37 -10.19 18.07
CA GLU A 15 -0.11 -8.88 17.46
C GLU A 15 -0.75 -8.78 16.07
N MET A 16 -1.21 -7.59 15.72
CA MET A 16 -1.79 -7.40 14.39
C MET A 16 -0.65 -7.44 13.39
N GLY A 17 0.50 -6.90 13.80
CA GLY A 17 1.66 -6.89 12.94
C GLY A 17 2.28 -5.51 12.79
N LEU A 18 3.31 -5.42 11.96
CA LEU A 18 4.00 -4.17 11.74
C LEU A 18 3.37 -3.35 10.63
N CYS A 19 3.54 -2.03 10.75
CA CYS A 19 3.08 -1.10 9.74
C CYS A 19 4.28 -0.21 9.51
N ILE A 20 5.05 -0.52 8.47
CA ILE A 20 6.24 0.25 8.15
C ILE A 20 5.86 1.37 7.20
N ILE A 21 6.13 2.61 7.62
CA ILE A 21 5.82 3.77 6.79
C ILE A 21 7.12 4.40 6.28
N ILE A 22 7.32 4.40 4.96
CA ILE A 22 8.51 5.03 4.42
C ILE A 22 8.03 6.36 3.84
N ASN A 23 8.42 7.44 4.53
CA ASN A 23 8.02 8.79 4.15
C ASN A 23 9.18 9.58 3.56
N ASN A 24 9.23 9.64 2.23
CA ASN A 24 10.30 10.39 1.57
C ASN A 24 9.78 11.74 1.09
N LYS A 25 10.22 12.80 1.78
CA LYS A 25 9.81 14.16 1.49
C LYS A 25 10.89 14.97 0.79
N ASN A 26 12.12 14.86 1.28
CA ASN A 26 13.25 15.58 0.73
C ASN A 26 14.18 14.68 -0.05
N PHE A 27 14.49 15.08 -1.28
CA PHE A 27 15.38 14.28 -2.11
C PHE A 27 16.71 14.98 -2.31
N HIS A 28 17.76 14.19 -2.55
CA HIS A 28 19.09 14.77 -2.75
C HIS A 28 19.05 15.76 -3.91
N LYS A 29 19.68 16.91 -3.70
CA LYS A 29 19.73 17.95 -4.71
C LYS A 29 20.22 17.38 -6.03
N SER A 30 21.20 16.49 -5.95
CA SER A 30 21.77 15.87 -7.14
C SER A 30 20.74 15.21 -8.05
N THR A 31 19.60 14.81 -7.50
CA THR A 31 18.55 14.19 -8.31
C THR A 31 17.60 15.23 -8.87
N GLY A 32 17.55 16.39 -8.22
CA GLY A 32 16.67 17.45 -8.68
C GLY A 32 15.21 17.20 -8.36
N MET A 33 14.92 16.05 -7.76
CA MET A 33 13.53 15.73 -7.41
C MET A 33 12.98 16.73 -6.40
N THR A 34 11.77 17.19 -6.66
CA THR A 34 11.13 18.17 -5.79
C THR A 34 10.63 17.59 -4.48
N SER A 35 10.66 18.41 -3.43
CA SER A 35 10.20 17.99 -2.12
C SER A 35 8.71 17.71 -2.21
N ARG A 36 8.26 16.66 -1.53
CA ARG A 36 6.86 16.28 -1.58
C ARG A 36 6.04 16.92 -0.46
N SER A 37 5.70 18.19 -0.64
CA SER A 37 4.92 18.93 0.35
C SER A 37 3.62 18.23 0.69
N GLY A 38 3.31 18.18 1.98
CA GLY A 38 2.09 17.55 2.43
C GLY A 38 2.22 16.08 2.78
N THR A 39 3.38 15.48 2.48
CA THR A 39 3.55 14.07 2.79
C THR A 39 3.61 13.80 4.29
N ASP A 40 4.06 14.78 5.07
CA ASP A 40 4.11 14.60 6.52
C ASP A 40 2.71 14.43 7.07
N VAL A 41 1.76 15.13 6.45
CA VAL A 41 0.36 15.04 6.86
C VAL A 41 -0.10 13.59 6.62
N ASP A 42 0.27 13.03 5.48
CA ASP A 42 -0.09 11.64 5.15
C ASP A 42 0.55 10.69 6.16
N ALA A 43 1.83 10.88 6.44
CA ALA A 43 2.55 10.01 7.36
C ALA A 43 1.92 10.01 8.74
N ALA A 44 1.54 11.20 9.22
CA ALA A 44 0.92 11.32 10.54
C ALA A 44 -0.46 10.69 10.56
N ASN A 45 -1.23 10.91 9.50
CA ASN A 45 -2.58 10.37 9.40
C ASN A 45 -2.49 8.83 9.42
N LEU A 46 -1.56 8.27 8.65
CA LEU A 46 -1.38 6.83 8.60
C LEU A 46 -0.97 6.24 9.94
N ARG A 47 -0.05 6.94 10.62
CA ARG A 47 0.43 6.49 11.92
C ARG A 47 -0.72 6.36 12.91
N GLU A 48 -1.55 7.40 12.98
CA GLU A 48 -2.68 7.40 13.90
C GLU A 48 -3.72 6.37 13.49
N THR A 49 -4.01 6.30 12.19
CA THR A 49 -4.99 5.36 11.67
C THR A 49 -4.63 3.92 11.98
N PHE A 50 -3.40 3.52 11.69
CA PHE A 50 -3.00 2.15 11.96
C PHE A 50 -2.73 1.89 13.44
N ARG A 51 -2.44 2.94 14.18
CA ARG A 51 -2.23 2.81 15.62
C ARG A 51 -3.55 2.34 16.22
N ASN A 52 -4.65 2.93 15.76
CA ASN A 52 -5.97 2.58 16.25
C ASN A 52 -6.41 1.19 15.82
N LEU A 53 -5.73 0.63 14.82
CA LEU A 53 -6.04 -0.71 14.35
C LEU A 53 -5.13 -1.71 15.06
N LYS A 54 -4.34 -1.18 15.99
CA LYS A 54 -3.41 -1.95 16.82
C LYS A 54 -2.16 -2.47 16.11
N TYR A 55 -1.72 -1.77 15.08
CA TYR A 55 -0.49 -2.16 14.38
C TYR A 55 0.70 -1.51 15.05
N GLU A 56 1.85 -2.15 14.97
CA GLU A 56 3.10 -1.61 15.52
C GLU A 56 3.64 -0.72 14.41
N VAL A 57 3.40 0.57 14.51
CA VAL A 57 3.84 1.52 13.49
C VAL A 57 5.28 1.97 13.65
N ARG A 58 6.02 1.91 12.55
CA ARG A 58 7.42 2.36 12.53
C ARG A 58 7.54 3.28 11.33
N ASN A 59 7.89 4.53 11.58
CA ASN A 59 8.03 5.49 10.50
C ASN A 59 9.51 5.72 10.19
N LYS A 60 9.80 5.88 8.90
CA LYS A 60 11.17 6.14 8.44
C LYS A 60 11.08 7.29 7.46
N ASN A 61 11.91 8.30 7.66
CA ASN A 61 11.89 9.47 6.78
C ASN A 61 13.13 9.59 5.90
N ASP A 62 12.91 10.07 4.69
CA ASP A 62 13.96 10.32 3.71
C ASP A 62 15.02 9.23 3.62
N LEU A 63 14.63 8.04 3.16
CA LEU A 63 15.56 6.92 3.03
C LEU A 63 16.13 6.82 1.63
N THR A 64 17.42 6.53 1.54
CA THR A 64 18.08 6.35 0.26
C THR A 64 17.61 5.00 -0.29
N ARG A 65 17.90 4.72 -1.55
CA ARG A 65 17.50 3.46 -2.15
C ARG A 65 18.13 2.30 -1.38
N GLU A 66 19.36 2.51 -0.91
CA GLU A 66 20.07 1.47 -0.16
C GLU A 66 19.41 1.22 1.20
N GLU A 67 18.98 2.30 1.86
CA GLU A 67 18.35 2.17 3.16
C GLU A 67 16.97 1.53 3.06
N ILE A 68 16.27 1.79 1.96
CA ILE A 68 14.95 1.19 1.76
C ILE A 68 15.12 -0.32 1.67
N VAL A 69 16.09 -0.75 0.87
CA VAL A 69 16.35 -2.17 0.69
C VAL A 69 16.81 -2.83 1.98
N GLU A 70 17.71 -2.19 2.72
CA GLU A 70 18.20 -2.76 3.96
C GLU A 70 17.07 -2.86 4.98
N LEU A 71 16.22 -1.83 5.02
CA LEU A 71 15.11 -1.82 5.96
C LEU A 71 14.17 -2.98 5.69
N MET A 72 13.77 -3.14 4.43
CA MET A 72 12.87 -4.22 4.04
C MET A 72 13.48 -5.58 4.30
N ARG A 73 14.76 -5.73 4.00
CA ARG A 73 15.45 -6.98 4.23
C ARG A 73 15.44 -7.32 5.72
N ASP A 74 15.82 -6.36 6.55
CA ASP A 74 15.85 -6.56 7.99
C ASP A 74 14.47 -6.90 8.55
N VAL A 75 13.46 -6.17 8.11
CA VAL A 75 12.10 -6.41 8.56
C VAL A 75 11.61 -7.80 8.16
N SER A 76 11.96 -8.23 6.95
CA SER A 76 11.54 -9.56 6.48
C SER A 76 12.27 -10.65 7.26
N LYS A 77 13.40 -10.30 7.85
CA LYS A 77 14.21 -11.23 8.63
C LYS A 77 13.73 -11.40 10.06
N GLU A 78 12.81 -10.55 10.50
CA GLU A 78 12.26 -10.62 11.85
C GLU A 78 11.35 -11.84 11.98
N ASP A 79 11.04 -12.21 13.22
CA ASP A 79 10.16 -13.35 13.48
C ASP A 79 8.74 -12.81 13.62
N HIS A 80 7.93 -13.02 12.60
CA HIS A 80 6.55 -12.55 12.59
C HIS A 80 5.57 -13.61 13.08
N SER A 81 6.07 -14.68 13.69
CA SER A 81 5.23 -15.77 14.17
C SER A 81 3.97 -15.34 14.94
N LYS A 82 4.11 -14.39 15.84
CA LYS A 82 2.98 -13.93 16.65
C LYS A 82 2.21 -12.76 16.04
N ARG A 83 2.50 -12.43 14.79
CA ARG A 83 1.84 -11.33 14.10
C ARG A 83 0.86 -11.84 13.04
N SER A 84 -0.31 -11.21 12.98
CA SER A 84 -1.36 -11.61 12.05
C SER A 84 -1.13 -11.20 10.60
N SER A 85 -0.44 -10.09 10.41
CA SER A 85 -0.23 -9.57 9.07
C SER A 85 0.96 -8.65 8.98
N PHE A 86 1.18 -8.08 7.79
CA PHE A 86 2.26 -7.13 7.58
C PHE A 86 1.77 -6.01 6.68
N VAL A 87 2.11 -4.78 7.02
CA VAL A 87 1.72 -3.63 6.24
C VAL A 87 2.92 -2.73 5.98
N CYS A 88 3.06 -2.28 4.74
CA CYS A 88 4.12 -1.38 4.36
C CYS A 88 3.50 -0.28 3.53
N VAL A 89 3.74 0.96 3.91
CA VAL A 89 3.21 2.10 3.17
C VAL A 89 4.38 2.86 2.58
N LEU A 90 4.33 3.08 1.28
CA LEU A 90 5.39 3.81 0.58
C LEU A 90 4.87 5.15 0.11
N LEU A 91 5.50 6.22 0.56
CA LEU A 91 5.12 7.58 0.18
C LEU A 91 6.33 8.23 -0.50
N SER A 92 6.25 8.41 -1.82
CA SER A 92 7.37 9.01 -2.54
C SER A 92 7.02 9.26 -3.99
N HIS A 93 8.02 9.69 -4.76
CA HIS A 93 7.83 9.89 -6.19
C HIS A 93 7.97 8.48 -6.74
N GLY A 94 7.52 8.27 -7.97
CA GLY A 94 7.63 6.95 -8.56
C GLY A 94 7.23 6.90 -10.02
N GLU A 95 7.38 5.72 -10.60
CA GLU A 95 7.01 5.45 -11.98
C GLU A 95 6.43 4.05 -11.92
N GLU A 96 5.95 3.53 -13.04
CA GLU A 96 5.38 2.20 -13.02
C GLU A 96 6.39 1.18 -12.49
N GLY A 97 5.99 0.48 -11.42
CA GLY A 97 6.84 -0.55 -10.82
C GLY A 97 8.04 -0.04 -10.04
N ILE A 98 8.12 1.27 -9.87
CA ILE A 98 9.25 1.87 -9.17
C ILE A 98 8.88 2.88 -8.10
N ILE A 99 9.63 2.87 -7.01
CA ILE A 99 9.45 3.82 -5.92
C ILE A 99 10.81 4.47 -5.74
N PHE A 100 10.82 5.78 -5.52
CA PHE A 100 12.10 6.47 -5.39
C PHE A 100 12.67 6.66 -4.00
N GLY A 101 13.95 6.33 -3.87
CA GLY A 101 14.66 6.55 -2.64
C GLY A 101 15.06 8.00 -2.79
N THR A 102 15.73 8.57 -1.80
CA THR A 102 16.14 9.96 -1.88
C THR A 102 17.27 10.18 -2.87
N ASN A 103 17.95 9.10 -3.26
CA ASN A 103 19.08 9.20 -4.18
C ASN A 103 18.95 8.28 -5.40
N GLY A 104 17.75 7.75 -5.64
CA GLY A 104 17.59 6.88 -6.78
C GLY A 104 16.40 5.94 -6.65
N PRO A 105 16.11 5.18 -7.72
CA PRO A 105 14.99 4.25 -7.76
C PRO A 105 15.19 2.89 -7.08
N VAL A 106 14.06 2.28 -6.72
CA VAL A 106 14.03 0.97 -6.11
C VAL A 106 12.87 0.23 -6.76
N ASP A 107 13.16 -0.91 -7.37
CA ASP A 107 12.10 -1.70 -7.99
C ASP A 107 11.18 -2.21 -6.90
N LEU A 108 9.88 -2.03 -7.07
CA LEU A 108 8.92 -2.50 -6.08
C LEU A 108 9.07 -3.99 -5.87
N LYS A 109 9.37 -4.71 -6.96
CA LYS A 109 9.55 -6.15 -6.91
C LYS A 109 10.68 -6.51 -5.94
N LYS A 110 11.73 -5.69 -5.93
CA LYS A 110 12.88 -5.90 -5.05
C LYS A 110 12.41 -5.87 -3.60
N ILE A 111 11.58 -4.88 -3.29
CA ILE A 111 11.03 -4.70 -1.95
C ILE A 111 10.08 -5.83 -1.54
N THR A 112 9.13 -6.15 -2.42
CA THR A 112 8.14 -7.18 -2.11
C THR A 112 8.67 -8.62 -2.11
N ASN A 113 9.72 -8.88 -2.87
CA ASN A 113 10.28 -10.22 -2.93
C ASN A 113 10.76 -10.73 -1.57
N PHE A 114 11.22 -9.82 -0.73
CA PHE A 114 11.70 -10.19 0.61
C PHE A 114 10.61 -10.88 1.42
N PHE A 115 9.37 -10.57 1.09
CA PHE A 115 8.22 -11.12 1.81
C PHE A 115 7.54 -12.30 1.15
N ARG A 116 8.11 -12.78 0.05
CA ARG A 116 7.54 -13.93 -0.66
C ARG A 116 7.26 -15.07 0.31
N GLY A 117 6.27 -15.89 -0.01
CA GLY A 117 5.91 -17.00 0.86
C GLY A 117 7.05 -17.93 1.20
N ASP A 118 8.03 -18.05 0.31
CA ASP A 118 9.16 -18.93 0.55
C ASP A 118 10.37 -18.23 1.15
N ARG A 119 10.33 -16.90 1.22
CA ARG A 119 11.45 -16.14 1.77
C ARG A 119 11.22 -15.53 3.16
N CYS A 120 9.96 -15.48 3.59
CA CYS A 120 9.61 -14.97 4.91
C CYS A 120 8.59 -15.98 5.44
N ARG A 121 9.10 -17.09 5.97
CA ARG A 121 8.24 -18.15 6.46
C ARG A 121 7.28 -17.80 7.58
N SER A 122 7.63 -16.81 8.41
CA SER A 122 6.74 -16.43 9.50
C SER A 122 5.56 -15.58 9.03
N LEU A 123 5.51 -15.30 7.72
CA LEU A 123 4.39 -14.54 7.16
C LEU A 123 3.67 -15.36 6.10
N THR A 124 4.14 -16.58 5.86
CA THR A 124 3.52 -17.45 4.87
C THR A 124 2.07 -17.68 5.31
N GLY A 125 1.13 -17.51 4.37
CA GLY A 125 -0.27 -17.71 4.69
C GLY A 125 -0.95 -16.50 5.35
N LYS A 126 -0.18 -15.44 5.58
CA LYS A 126 -0.70 -14.23 6.21
C LYS A 126 -0.74 -13.09 5.20
N PRO A 127 -1.71 -12.18 5.33
CA PRO A 127 -1.80 -11.06 4.38
C PRO A 127 -0.66 -10.06 4.49
N LYS A 128 -0.09 -9.74 3.34
CA LYS A 128 1.02 -8.81 3.22
C LYS A 128 0.47 -7.65 2.37
N LEU A 129 0.30 -6.51 3.02
CA LEU A 129 -0.28 -5.33 2.39
C LEU A 129 0.71 -4.23 2.06
N PHE A 130 0.73 -3.82 0.79
CA PHE A 130 1.61 -2.75 0.36
C PHE A 130 0.75 -1.61 -0.18
N ILE A 131 0.78 -0.48 0.51
CA ILE A 131 0.01 0.71 0.16
C ILE A 131 0.99 1.67 -0.52
N ILE A 132 0.73 1.98 -1.79
CA ILE A 132 1.66 2.82 -2.55
C ILE A 132 1.13 4.17 -3.07
N GLN A 133 1.67 5.26 -2.53
CA GLN A 133 1.31 6.60 -2.95
C GLN A 133 2.50 7.10 -3.79
N ALA A 134 2.34 7.04 -5.10
CA ALA A 134 3.39 7.44 -6.03
C ALA A 134 2.86 7.35 -7.47
N CYS A 135 3.48 8.09 -8.40
CA CYS A 135 3.05 8.05 -9.80
C CYS A 135 3.37 6.67 -10.35
N ARG A 136 2.60 6.27 -11.36
CA ARG A 136 2.82 4.99 -12.01
C ARG A 136 3.00 5.29 -13.49
N GLY A 137 3.33 6.55 -13.77
CA GLY A 137 3.51 6.98 -15.13
C GLY A 137 3.14 8.45 -15.24
N THR A 138 3.02 8.94 -16.47
CA THR A 138 2.68 10.35 -16.67
C THR A 138 1.38 10.57 -17.44
N GLU A 139 0.49 9.59 -17.44
CA GLU A 139 -0.77 9.78 -18.14
C GLU A 139 -1.70 10.64 -17.29
N LEU A 140 -2.56 11.41 -17.95
CA LEU A 140 -3.49 12.31 -17.29
C LEU A 140 -4.93 11.89 -17.59
N ASP A 141 -5.75 11.82 -16.54
CA ASP A 141 -7.15 11.44 -16.70
C ASP A 141 -7.98 12.72 -16.70
N CYS A 142 -8.54 13.07 -17.85
CA CYS A 142 -9.35 14.29 -17.95
C CYS A 142 -10.76 14.10 -17.41
N GLY A 143 -11.10 12.86 -17.08
CA GLY A 143 -12.41 12.56 -16.54
C GLY A 143 -13.56 12.80 -17.51
N ILE A 144 -14.78 12.52 -17.05
CA ILE A 144 -15.96 12.74 -17.86
C ILE A 144 -17.10 13.20 -16.96
N GLU A 145 -17.84 14.22 -17.42
CA GLU A 145 -18.95 14.76 -16.65
C GLU A 145 -20.08 13.76 -16.45
N THR A 146 -20.61 13.72 -15.23
CA THR A 146 -21.72 12.82 -14.90
C THR A 146 -23.01 13.60 -14.73
N ASP A 147 -24.04 12.95 -14.44
N ALA B 1 -13.44 -37.67 -10.75
CA ALA B 1 -12.42 -37.43 -11.81
C ALA B 1 -11.02 -37.40 -11.20
N SER B 2 -10.01 -37.33 -12.07
CA SER B 2 -8.63 -37.30 -11.65
C SER B 2 -7.78 -36.56 -12.66
N GLY B 3 -6.72 -35.91 -12.18
CA GLY B 3 -5.84 -35.16 -13.07
C GLY B 3 -4.43 -35.09 -12.55
N VAL B 4 -3.50 -34.69 -13.42
CA VAL B 4 -2.09 -34.58 -13.05
C VAL B 4 -1.77 -33.28 -12.33
N ASP B 5 -2.66 -32.30 -12.42
CA ASP B 5 -2.42 -31.00 -11.79
C ASP B 5 -3.30 -30.67 -10.58
N ASP B 6 -3.86 -31.70 -9.93
CA ASP B 6 -4.71 -31.45 -8.77
C ASP B 6 -4.57 -32.52 -7.70
N ASP B 7 -5.09 -32.23 -6.51
CA ASP B 7 -5.05 -33.15 -5.38
C ASP B 7 -3.60 -33.59 -5.13
N MET B 8 -2.74 -32.62 -4.85
CA MET B 8 -1.32 -32.90 -4.59
C MET B 8 -1.11 -33.48 -3.21
N ALA B 9 -0.25 -34.49 -3.12
CA ALA B 9 0.05 -35.12 -1.84
C ALA B 9 0.61 -34.08 -0.88
N CYS B 10 1.59 -33.31 -1.35
CA CYS B 10 2.20 -32.27 -0.55
C CYS B 10 1.63 -30.92 -1.00
N HIS B 11 0.87 -30.29 -0.12
CA HIS B 11 0.26 -29.00 -0.45
C HIS B 11 1.22 -27.82 -0.38
N LYS B 12 1.16 -26.99 -1.42
CA LYS B 12 1.97 -25.79 -1.49
C LYS B 12 1.05 -24.67 -1.92
N ILE B 13 1.50 -23.44 -1.72
CA ILE B 13 0.75 -22.27 -2.16
C ILE B 13 1.77 -21.46 -2.95
N PRO B 14 1.28 -20.60 -3.87
CA PRO B 14 2.18 -19.78 -4.69
C PRO B 14 2.98 -18.86 -3.78
N VAL B 15 4.22 -18.58 -4.14
CA VAL B 15 5.05 -17.68 -3.34
C VAL B 15 4.55 -16.25 -3.47
N GLU B 16 3.74 -16.00 -4.51
CA GLU B 16 3.19 -14.67 -4.73
C GLU B 16 1.82 -14.51 -4.10
N ALA B 17 1.33 -15.57 -3.46
CA ALA B 17 0.02 -15.51 -2.83
C ALA B 17 0.01 -14.70 -1.54
N ASP B 18 -1.18 -14.20 -1.22
CA ASP B 18 -1.42 -13.42 -0.01
C ASP B 18 -0.82 -12.01 0.03
N PHE B 19 -0.68 -11.41 -1.14
CA PHE B 19 -0.19 -10.04 -1.26
C PHE B 19 -1.36 -9.18 -1.71
N LEU B 20 -1.41 -7.95 -1.21
CA LEU B 20 -2.44 -6.99 -1.60
C LEU B 20 -1.69 -5.70 -1.83
N TYR B 21 -1.85 -5.12 -3.03
CA TYR B 21 -1.20 -3.86 -3.35
C TYR B 21 -2.30 -2.82 -3.53
N ALA B 22 -2.33 -1.81 -2.66
CA ALA B 22 -3.32 -0.77 -2.78
C ALA B 22 -2.64 0.43 -3.41
N TYR B 23 -2.77 0.53 -4.74
CA TYR B 23 -2.15 1.63 -5.48
C TYR B 23 -3.02 2.86 -5.45
N SER B 24 -2.39 4.02 -5.33
CA SER B 24 -3.11 5.27 -5.28
C SER B 24 -3.71 5.65 -6.61
N THR B 25 -3.20 5.06 -7.69
CA THR B 25 -3.66 5.41 -9.02
C THR B 25 -3.59 4.26 -10.01
N ALA B 26 -4.26 4.43 -11.15
CA ALA B 26 -4.29 3.40 -12.20
C ALA B 26 -2.93 3.25 -12.87
N PRO B 27 -2.67 2.07 -13.45
CA PRO B 27 -1.39 1.84 -14.12
C PRO B 27 -1.09 2.92 -15.17
N GLY B 28 0.11 3.46 -15.13
CA GLY B 28 0.52 4.48 -16.09
C GLY B 28 0.12 5.92 -15.81
N TYR B 29 -0.66 6.15 -14.75
CA TYR B 29 -1.11 7.50 -14.43
C TYR B 29 -0.45 8.25 -13.29
N TYR B 30 -0.60 9.57 -13.33
CA TYR B 30 -0.08 10.44 -12.29
C TYR B 30 -0.86 10.16 -11.01
N SER B 31 -0.28 10.53 -9.88
CA SER B 31 -0.92 10.39 -8.58
C SER B 31 -0.86 11.81 -8.00
N TRP B 32 -2.01 12.35 -7.64
CA TRP B 32 -2.07 13.72 -7.13
C TRP B 32 -1.95 13.89 -5.62
N ARG B 33 -1.29 14.97 -5.23
CA ARG B 33 -1.07 15.28 -3.82
C ARG B 33 -1.25 16.76 -3.55
N ASN B 34 -2.05 17.08 -2.54
CA ASN B 34 -2.28 18.47 -2.15
C ASN B 34 -1.16 18.86 -1.20
N SER B 35 -0.40 19.90 -1.58
CA SER B 35 0.72 20.34 -0.78
C SER B 35 0.38 20.74 0.65
N LYS B 36 -0.91 20.80 0.97
CA LYS B 36 -1.33 21.19 2.30
C LYS B 36 -2.17 20.14 3.04
N ASP B 37 -3.02 19.43 2.31
CA ASP B 37 -3.88 18.41 2.93
C ASP B 37 -3.36 16.98 2.77
N GLY B 38 -2.30 16.80 1.99
CA GLY B 38 -1.78 15.47 1.77
C GLY B 38 -2.28 14.88 0.47
N SER B 39 -1.88 13.66 0.15
CA SER B 39 -2.32 13.01 -1.08
C SER B 39 -3.79 12.64 -1.02
N TRP B 40 -4.47 12.70 -2.17
CA TRP B 40 -5.89 12.37 -2.22
C TRP B 40 -6.12 10.94 -1.72
N PHE B 41 -5.27 10.02 -2.18
CA PHE B 41 -5.39 8.62 -1.82
C PHE B 41 -5.22 8.33 -0.35
N ILE B 42 -4.13 8.81 0.25
CA ILE B 42 -3.91 8.55 1.67
C ILE B 42 -4.98 9.24 2.51
N GLN B 43 -5.36 10.47 2.14
CA GLN B 43 -6.42 11.18 2.87
C GLN B 43 -7.65 10.31 2.92
N SER B 44 -8.04 9.81 1.75
CA SER B 44 -9.23 8.97 1.62
C SER B 44 -9.12 7.61 2.28
N LEU B 45 -7.96 6.98 2.15
CA LEU B 45 -7.74 5.67 2.75
C LEU B 45 -7.90 5.74 4.27
N CYS B 46 -7.25 6.72 4.90
CA CYS B 46 -7.34 6.85 6.35
C CYS B 46 -8.77 7.13 6.79
N ALA B 47 -9.46 8.00 6.05
CA ALA B 47 -10.84 8.33 6.37
C ALA B 47 -11.74 7.09 6.33
N MET B 48 -11.59 6.28 5.30
CA MET B 48 -12.41 5.08 5.18
C MET B 48 -12.03 4.02 6.20
N LEU B 49 -10.75 3.92 6.54
CA LEU B 49 -10.34 2.95 7.55
C LEU B 49 -10.90 3.38 8.90
N LYS B 50 -10.80 4.67 9.21
CA LYS B 50 -11.32 5.16 10.48
C LYS B 50 -12.82 4.93 10.63
N GLN B 51 -13.55 5.05 9.53
CA GLN B 51 -15.00 4.88 9.55
C GLN B 51 -15.51 3.45 9.36
N TYR B 52 -14.76 2.62 8.64
CA TYR B 52 -15.23 1.27 8.36
C TYR B 52 -14.39 0.07 8.77
N ALA B 53 -13.20 0.28 9.33
CA ALA B 53 -12.35 -0.85 9.71
C ALA B 53 -12.99 -1.83 10.69
N ASP B 54 -13.94 -1.35 11.50
CA ASP B 54 -14.60 -2.25 12.44
C ASP B 54 -15.96 -2.68 11.92
N LYS B 55 -16.19 -2.48 10.62
CA LYS B 55 -17.48 -2.82 10.03
C LYS B 55 -17.42 -3.57 8.70
N LEU B 56 -16.45 -3.25 7.86
CA LEU B 56 -16.37 -3.88 6.53
C LEU B 56 -15.10 -4.66 6.23
N GLU B 57 -15.23 -5.58 5.28
CA GLU B 57 -14.11 -6.40 4.82
C GLU B 57 -13.19 -5.44 4.07
N PHE B 58 -11.88 -5.70 4.12
CA PHE B 58 -10.91 -4.80 3.50
C PHE B 58 -11.16 -4.41 2.04
N MET B 59 -11.53 -5.35 1.19
CA MET B 59 -11.77 -4.99 -0.21
C MET B 59 -12.92 -3.99 -0.33
N HIS B 60 -13.93 -4.13 0.52
CA HIS B 60 -15.06 -3.22 0.48
C HIS B 60 -14.66 -1.84 1.00
N ILE B 61 -13.71 -1.80 1.93
CA ILE B 61 -13.23 -0.52 2.45
C ILE B 61 -12.48 0.16 1.32
N LEU B 62 -11.61 -0.58 0.64
CA LEU B 62 -10.82 -0.01 -0.45
C LEU B 62 -11.71 0.42 -1.61
N THR B 63 -12.86 -0.22 -1.78
CA THR B 63 -13.77 0.15 -2.86
C THR B 63 -14.36 1.52 -2.53
N ARG B 64 -14.62 1.77 -1.24
CA ARG B 64 -15.14 3.06 -0.81
C ARG B 64 -14.07 4.12 -1.08
N VAL B 65 -12.81 3.74 -0.87
CA VAL B 65 -11.70 4.66 -1.10
C VAL B 65 -11.67 5.01 -2.59
N ASN B 66 -11.84 4.00 -3.44
CA ASN B 66 -11.86 4.24 -4.88
C ASN B 66 -12.93 5.29 -5.22
N ARG B 67 -14.14 5.10 -4.68
CA ARG B 67 -15.23 6.02 -4.97
C ARG B 67 -14.97 7.42 -4.44
N LYS B 68 -14.42 7.53 -3.24
CA LYS B 68 -14.14 8.83 -2.64
C LYS B 68 -13.15 9.63 -3.49
N VAL B 69 -12.06 8.99 -3.85
CA VAL B 69 -11.04 9.66 -4.66
C VAL B 69 -11.57 10.02 -6.04
N ALA B 70 -12.29 9.09 -6.66
CA ALA B 70 -12.83 9.30 -7.99
C ALA B 70 -13.87 10.40 -8.10
N THR B 71 -14.72 10.53 -7.09
CA THR B 71 -15.78 11.52 -7.14
C THR B 71 -15.52 12.87 -6.48
N GLU B 72 -14.82 12.88 -5.34
CA GLU B 72 -14.59 14.09 -4.59
C GLU B 72 -13.37 14.95 -4.90
N PHE B 73 -12.44 14.42 -5.70
CA PHE B 73 -11.22 15.16 -6.02
C PHE B 73 -11.03 15.48 -7.50
N GLU B 74 -10.48 16.67 -7.75
CA GLU B 74 -10.17 17.11 -9.10
C GLU B 74 -9.05 18.12 -8.95
N SER B 75 -8.03 18.03 -9.78
CA SER B 75 -6.90 18.94 -9.66
C SER B 75 -7.18 20.37 -10.10
N PHE B 76 -6.43 21.29 -9.51
CA PHE B 76 -6.49 22.70 -9.85
C PHE B 76 -5.05 23.11 -10.10
N SER B 77 -4.78 23.70 -11.26
CA SER B 77 -3.43 24.11 -11.59
C SER B 77 -3.44 25.32 -12.52
N PHE B 78 -2.45 26.17 -12.37
CA PHE B 78 -2.34 27.35 -13.22
C PHE B 78 -1.88 26.88 -14.59
N ASP B 79 -1.35 25.67 -14.63
CA ASP B 79 -0.87 25.04 -15.86
C ASP B 79 -2.02 24.20 -16.41
N ALA B 80 -2.56 24.61 -17.55
CA ALA B 80 -3.68 23.89 -18.17
C ALA B 80 -3.44 22.39 -18.29
N THR B 81 -2.19 22.01 -18.54
CA THR B 81 -1.85 20.60 -18.68
C THR B 81 -2.21 19.76 -17.46
N PHE B 82 -1.99 20.31 -16.28
CA PHE B 82 -2.26 19.59 -15.04
C PHE B 82 -3.52 20.03 -14.33
N HIS B 83 -4.35 20.82 -15.01
CA HIS B 83 -5.59 21.31 -14.42
C HIS B 83 -6.80 20.44 -14.75
N ALA B 84 -7.74 20.40 -13.81
CA ALA B 84 -8.99 19.65 -13.97
C ALA B 84 -8.80 18.16 -14.23
N LYS B 85 -7.82 17.56 -13.59
CA LYS B 85 -7.55 16.14 -13.78
C LYS B 85 -8.18 15.28 -12.69
N LYS B 86 -8.39 14.01 -13.00
CA LYS B 86 -9.01 13.07 -12.07
C LYS B 86 -8.10 11.91 -11.72
N GLN B 87 -8.53 11.11 -10.75
CA GLN B 87 -7.73 9.97 -10.31
C GLN B 87 -8.59 8.83 -9.80
N ILE B 88 -8.20 7.61 -10.14
CA ILE B 88 -8.90 6.44 -9.64
C ILE B 88 -7.86 5.48 -9.06
N PRO B 89 -7.99 5.13 -7.77
CA PRO B 89 -7.03 4.21 -7.17
C PRO B 89 -7.17 2.83 -7.82
N CYS B 90 -6.18 1.98 -7.58
CA CYS B 90 -6.15 0.66 -8.19
C CYS B 90 -5.84 -0.42 -7.18
N ILE B 91 -6.85 -1.25 -6.87
CA ILE B 91 -6.70 -2.32 -5.91
C ILE B 91 -6.20 -3.57 -6.63
N VAL B 92 -5.06 -4.11 -6.19
CA VAL B 92 -4.49 -5.29 -6.81
C VAL B 92 -4.40 -6.38 -5.75
N SER B 93 -5.31 -7.35 -5.83
CA SER B 93 -5.35 -8.40 -4.84
C SER B 93 -4.98 -9.82 -5.26
N MET B 94 -4.01 -10.36 -4.54
CA MET B 94 -3.57 -11.73 -4.70
C MET B 94 -3.87 -12.41 -3.36
N LEU B 95 -4.81 -11.85 -2.62
CA LEU B 95 -5.20 -12.43 -1.33
C LEU B 95 -6.02 -13.68 -1.59
N THR B 96 -6.06 -14.60 -0.62
CA THR B 96 -6.80 -15.84 -0.77
C THR B 96 -7.95 -15.96 0.22
N LYS B 97 -8.12 -14.95 1.06
CA LYS B 97 -9.19 -14.94 2.04
C LYS B 97 -9.67 -13.53 2.28
N GLU B 98 -10.82 -13.41 2.93
CA GLU B 98 -11.37 -12.11 3.26
C GLU B 98 -10.52 -11.58 4.42
N LEU B 99 -10.41 -10.26 4.50
CA LEU B 99 -9.61 -9.65 5.55
C LEU B 99 -10.38 -8.63 6.37
N TYR B 100 -10.52 -8.92 7.67
CA TYR B 100 -11.22 -8.04 8.60
C TYR B 100 -10.18 -7.66 9.64
N PHE B 101 -10.09 -6.38 9.96
CA PHE B 101 -9.12 -5.92 10.95
C PHE B 101 -9.56 -6.26 12.36
N TYR B 102 -10.84 -6.56 12.51
CA TYR B 102 -11.39 -6.91 13.81
C TYR B 102 -11.67 -8.41 13.85
N HIS B 103 -11.99 -8.92 15.04
CA HIS B 103 -12.30 -10.33 15.22
C HIS B 103 -13.29 -10.50 16.37
N ILE C 2 -1.58 22.07 -7.15
CA ILE C 2 -1.57 20.62 -6.91
C ILE C 2 -0.19 20.07 -7.29
N GLU C 3 0.34 19.15 -6.48
CA GLU C 3 1.63 18.56 -6.77
C GLU C 3 1.40 17.14 -7.26
N THR C 4 2.39 16.55 -7.89
CA THR C 4 2.23 15.21 -8.42
C THR C 4 3.28 14.22 -7.95
N ALA C 6 6.78 13.22 -12.00
CA ALA C 6 6.38 13.93 -13.24
C ALA C 6 7.31 13.52 -14.38
#